data_1BL4
#
_entry.id   1BL4
#
_cell.length_a   32.730
_cell.length_b   41.850
_cell.length_c   43.590
_cell.angle_alpha   62.61
_cell.angle_beta   82.75
_cell.angle_gamma   85.29
#
_symmetry.space_group_name_H-M   'P 1'
#
loop_
_entity.id
_entity.type
_entity.pdbx_description
1 polymer 'PROTEIN (FK506 BINDING PROTEIN)'
2 non-polymer '{3-[3-(3,4-DIMETHOXY-PHENYL)-1-(1-{1-[2-(3,4,5-TRIMETHOXY-PHENYL)-BUTYRYL]-PIPERIDIN-2YL}-VINYLOXY)-PROPYL]-PHENOXY}-ACETIC ACID'
3 water water
#
_entity_poly.entity_id   1
_entity_poly.type   'polypeptide(L)'
_entity_poly.pdbx_seq_one_letter_code
;GVQVETISPGDGRTFPKRGQTCVVHYTGMLEDGKKVDSSRDRNKPFKFMLGKQEVIRGWEEGVAQMSVGQRAKLTISPDY
AYGATGHPGIIPPHATLVFDVELLKLE
;
_entity_poly.pdbx_strand_id   A,B
#
# COMPACT_ATOMS: atom_id res chain seq x y z
N GLY A 1 -6.37 4.63 -6.26
CA GLY A 1 -5.67 5.12 -5.06
C GLY A 1 -6.67 5.76 -4.13
N VAL A 2 -6.21 6.74 -3.36
CA VAL A 2 -7.07 7.46 -2.43
C VAL A 2 -7.04 8.95 -2.75
N GLN A 3 -8.22 9.53 -2.90
CA GLN A 3 -8.35 10.94 -3.18
C GLN A 3 -8.82 11.60 -1.91
N VAL A 4 -8.30 12.78 -1.62
CA VAL A 4 -8.65 13.51 -0.41
C VAL A 4 -9.26 14.88 -0.73
N GLU A 5 -10.45 15.12 -0.20
CA GLU A 5 -11.10 16.42 -0.38
C GLU A 5 -11.28 16.97 1.01
N THR A 6 -10.70 18.12 1.30
CA THR A 6 -10.85 18.70 2.65
C THR A 6 -12.20 19.40 2.84
N ILE A 7 -12.83 19.15 3.98
CA ILE A 7 -14.14 19.71 4.31
C ILE A 7 -13.98 20.81 5.34
N SER A 8 -13.07 20.60 6.29
CA SER A 8 -12.80 21.59 7.32
C SER A 8 -11.33 21.47 7.62
N PRO A 9 -10.61 22.59 7.73
CA PRO A 9 -9.18 22.55 8.00
C PRO A 9 -8.68 22.12 9.39
N GLY A 10 -7.54 21.45 9.38
CA GLY A 10 -6.91 21.03 10.60
C GLY A 10 -5.97 22.16 10.99
N ASP A 11 -4.98 21.88 11.82
CA ASP A 11 -4.04 22.94 12.19
C ASP A 11 -2.94 23.11 11.14
N GLY A 12 -2.92 22.22 10.16
CA GLY A 12 -1.93 22.30 9.10
C GLY A 12 -0.50 21.96 9.46
N ARG A 13 -0.25 21.41 10.64
CA ARG A 13 1.12 21.06 11.01
C ARG A 13 1.30 19.81 11.85
N THR A 14 0.25 19.38 12.53
CA THR A 14 0.34 18.18 13.35
C THR A 14 -0.20 16.97 12.59
N PHE A 15 0.70 16.21 11.99
CA PHE A 15 0.33 15.03 11.23
C PHE A 15 0.71 13.76 11.99
N PRO A 16 -0.06 12.68 11.79
CA PRO A 16 0.19 11.40 12.47
C PRO A 16 1.50 10.76 12.03
N LYS A 17 2.24 10.20 12.98
CA LYS A 17 3.49 9.51 12.69
C LYS A 17 3.25 8.04 13.02
N ARG A 18 3.94 7.13 12.32
CA ARG A 18 3.76 5.71 12.57
C ARG A 18 3.99 5.43 14.06
N GLY A 19 3.13 4.60 14.64
CA GLY A 19 3.29 4.31 16.05
C GLY A 19 2.33 5.12 16.90
N GLN A 20 1.79 6.20 16.35
CA GLN A 20 0.84 7.02 17.09
C GLN A 20 -0.57 6.48 16.86
N THR A 21 -1.44 6.63 17.86
CA THR A 21 -2.82 6.19 17.78
C THR A 21 -3.66 7.35 17.28
N CYS A 22 -4.35 7.13 16.17
CA CYS A 22 -5.23 8.13 15.58
C CYS A 22 -6.64 7.97 16.11
N VAL A 23 -7.22 9.04 16.64
CA VAL A 23 -8.57 9.00 17.17
C VAL A 23 -9.43 9.75 16.15
N VAL A 24 -10.39 9.07 15.56
CA VAL A 24 -11.23 9.65 14.52
C VAL A 24 -12.70 9.29 14.61
N HIS A 25 -13.54 10.11 13.96
CA HIS A 25 -14.95 9.80 13.84
C HIS A 25 -15.12 9.73 12.32
N TYR A 26 -15.84 8.71 11.85
CA TYR A 26 -16.02 8.52 10.43
C TYR A 26 -17.40 8.02 10.07
N THR A 27 -17.74 8.21 8.81
CA THR A 27 -18.96 7.66 8.23
C THR A 27 -18.48 7.04 6.90
N GLY A 28 -18.68 5.75 6.75
CA GLY A 28 -18.27 5.09 5.54
C GLY A 28 -19.47 4.84 4.66
N MET A 29 -19.34 5.16 3.38
CA MET A 29 -20.44 4.95 2.46
C MET A 29 -19.99 4.43 1.12
N LEU A 30 -20.93 3.81 0.42
CA LEU A 30 -20.68 3.30 -0.92
C LEU A 30 -20.68 4.50 -1.87
N GLU A 31 -20.29 4.28 -3.12
CA GLU A 31 -20.25 5.37 -4.09
C GLU A 31 -21.62 6.07 -4.27
N ASP A 32 -22.71 5.30 -4.15
CA ASP A 32 -24.06 5.86 -4.31
C ASP A 32 -24.59 6.55 -3.05
N GLY A 33 -23.68 6.93 -2.15
CA GLY A 33 -24.05 7.62 -0.92
C GLY A 33 -24.67 6.81 0.20
N LYS A 34 -24.97 5.53 -0.02
CA LYS A 34 -25.57 4.74 1.05
C LYS A 34 -24.61 4.41 2.20
N LYS A 35 -25.04 4.70 3.42
CA LYS A 35 -24.24 4.48 4.62
C LYS A 35 -24.06 3.01 4.98
N VAL A 36 -22.80 2.58 5.13
CA VAL A 36 -22.50 1.18 5.49
C VAL A 36 -22.22 1.09 6.98
N ASP A 37 -21.47 2.07 7.51
CA ASP A 37 -21.13 2.12 8.92
C ASP A 37 -20.64 3.49 9.37
N SER A 38 -20.89 3.83 10.62
CA SER A 38 -20.47 5.11 11.16
C SER A 38 -20.20 5.03 12.65
N SER A 39 -19.06 5.58 13.05
CA SER A 39 -18.68 5.59 14.45
C SER A 39 -19.52 6.61 15.19
N ARG A 40 -20.04 7.59 14.46
CA ARG A 40 -20.86 8.63 15.09
C ARG A 40 -22.14 8.01 15.62
N ASP A 41 -22.50 6.85 15.08
CA ASP A 41 -23.68 6.13 15.54
C ASP A 41 -23.38 5.28 16.78
N ARG A 42 -22.12 5.28 17.26
CA ARG A 42 -21.72 4.40 18.37
C ARG A 42 -21.29 4.80 19.77
N ASN A 43 -21.22 6.07 20.11
CA ASN A 43 -20.80 6.45 21.49
C ASN A 43 -19.32 6.66 21.74
N LYS A 44 -18.47 6.23 20.82
CA LYS A 44 -17.06 6.51 21.01
C LYS A 44 -16.32 6.55 19.68
N PRO A 45 -15.29 7.38 19.59
CA PRO A 45 -14.52 7.47 18.35
C PRO A 45 -13.79 6.18 18.02
N PHE A 46 -13.40 6.03 16.77
CA PHE A 46 -12.67 4.87 16.31
C PHE A 46 -11.18 5.17 16.54
N LYS A 47 -10.41 4.15 16.90
CA LYS A 47 -8.98 4.33 17.13
C LYS A 47 -8.17 3.25 16.43
N PHE A 48 -7.03 3.63 15.90
CA PHE A 48 -6.14 2.68 15.25
C PHE A 48 -4.73 3.25 15.29
N MET A 49 -3.75 2.39 15.16
CA MET A 49 -2.37 2.83 15.20
C MET A 49 -1.79 2.78 13.80
N LEU A 50 -1.27 3.92 13.36
CA LEU A 50 -0.68 4.05 12.04
C LEU A 50 0.56 3.15 11.85
N GLY A 51 0.59 2.41 10.74
CA GLY A 51 1.73 1.55 10.45
C GLY A 51 1.71 0.13 10.98
N LYS A 52 0.60 -0.28 11.58
CA LYS A 52 0.52 -1.63 12.11
C LYS A 52 -0.39 -2.51 11.26
N GLN A 53 -0.77 -2.02 10.08
CA GLN A 53 -1.67 -2.74 9.19
C GLN A 53 -2.99 -3.07 9.88
N GLU A 54 -3.49 -2.14 10.67
CA GLU A 54 -4.74 -2.37 11.36
C GLU A 54 -5.96 -2.05 10.52
N VAL A 55 -5.77 -1.28 9.45
CA VAL A 55 -6.89 -0.85 8.60
C VAL A 55 -6.55 -1.00 7.14
N ILE A 56 -7.56 -0.92 6.27
CA ILE A 56 -7.37 -1.01 4.83
C ILE A 56 -6.32 0.03 4.39
N ARG A 57 -5.62 -0.25 3.30
CA ARG A 57 -4.57 0.62 2.78
C ARG A 57 -4.94 2.10 2.57
N GLY A 58 -6.08 2.32 1.91
CA GLY A 58 -6.55 3.67 1.62
C GLY A 58 -6.61 4.55 2.85
N TRP A 59 -6.94 3.96 4.00
CA TRP A 59 -7.01 4.69 5.27
C TRP A 59 -5.62 5.03 5.81
N GLU A 60 -4.69 4.08 5.75
CA GLU A 60 -3.33 4.31 6.23
C GLU A 60 -2.76 5.51 5.48
N GLU A 61 -2.86 5.48 4.16
CA GLU A 61 -2.35 6.54 3.32
C GLU A 61 -3.13 7.84 3.40
N GLY A 62 -4.46 7.75 3.46
CA GLY A 62 -5.28 8.95 3.53
C GLY A 62 -5.20 9.71 4.84
N VAL A 63 -5.33 9.00 5.97
CA VAL A 63 -5.31 9.66 7.28
C VAL A 63 -3.94 10.23 7.60
N ALA A 64 -2.89 9.61 7.08
CA ALA A 64 -1.53 10.09 7.31
C ALA A 64 -1.37 11.48 6.68
N GLN A 65 -2.23 11.83 5.73
CA GLN A 65 -2.18 13.13 5.08
C GLN A 65 -3.02 14.20 5.76
N MET A 66 -3.69 13.85 6.84
CA MET A 66 -4.54 14.82 7.53
C MET A 66 -3.87 15.38 8.78
N SER A 67 -4.22 16.60 9.16
CA SER A 67 -3.68 17.17 10.38
C SER A 67 -4.80 17.15 11.43
N VAL A 68 -4.44 17.24 12.70
CA VAL A 68 -5.41 17.21 13.79
C VAL A 68 -6.46 18.32 13.66
N GLY A 69 -7.73 17.92 13.70
CA GLY A 69 -8.83 18.87 13.60
C GLY A 69 -9.44 18.85 12.22
N GLN A 70 -8.72 18.31 11.24
CA GLN A 70 -9.21 18.26 9.87
C GLN A 70 -10.33 17.26 9.64
N ARG A 71 -11.23 17.61 8.74
CA ARG A 71 -12.34 16.74 8.34
C ARG A 71 -12.16 16.65 6.84
N ALA A 72 -12.22 15.44 6.29
CA ALA A 72 -12.05 15.26 4.87
C ALA A 72 -12.82 14.08 4.35
N LYS A 73 -13.04 14.10 3.05
CA LYS A 73 -13.74 13.05 2.35
C LYS A 73 -12.63 12.26 1.64
N LEU A 74 -12.51 10.98 1.95
CA LEU A 74 -11.51 10.13 1.30
C LEU A 74 -12.25 9.19 0.36
N THR A 75 -11.87 9.19 -0.91
CA THR A 75 -12.49 8.32 -1.90
C THR A 75 -11.45 7.26 -2.18
N ILE A 76 -11.81 6.02 -1.90
CA ILE A 76 -10.88 4.92 -2.01
C ILE A 76 -11.30 3.89 -3.04
N SER A 77 -10.40 3.62 -3.98
CA SER A 77 -10.69 2.64 -5.02
C SER A 77 -10.60 1.24 -4.39
N PRO A 78 -11.25 0.24 -5.00
CA PRO A 78 -11.27 -1.14 -4.50
C PRO A 78 -9.90 -1.72 -4.17
N ASP A 79 -8.93 -1.54 -5.06
CA ASP A 79 -7.59 -2.06 -4.83
C ASP A 79 -6.96 -1.54 -3.55
N TYR A 80 -7.47 -0.43 -3.03
CA TYR A 80 -6.97 0.14 -1.77
C TYR A 80 -7.91 -0.13 -0.60
N ALA A 81 -8.93 -0.95 -0.84
CA ALA A 81 -9.88 -1.26 0.20
C ALA A 81 -10.12 -2.77 0.30
N TYR A 82 -11.29 -3.25 -0.11
CA TYR A 82 -11.62 -4.67 -0.02
C TYR A 82 -11.50 -5.43 -1.35
N GLY A 83 -11.01 -4.76 -2.38
CA GLY A 83 -10.80 -5.41 -3.67
C GLY A 83 -11.93 -6.21 -4.29
N ALA A 84 -11.55 -7.30 -4.92
CA ALA A 84 -12.50 -8.17 -5.61
C ALA A 84 -13.49 -8.88 -4.71
N THR A 85 -13.03 -9.35 -3.57
CA THR A 85 -13.89 -10.08 -2.65
C THR A 85 -14.82 -9.27 -1.78
N GLY A 86 -14.39 -8.08 -1.39
CA GLY A 86 -15.24 -7.27 -0.52
C GLY A 86 -15.35 -7.97 0.81
N HIS A 87 -16.49 -7.83 1.47
CA HIS A 87 -16.73 -8.46 2.77
C HIS A 87 -18.22 -8.73 2.89
N PRO A 88 -18.63 -10.00 2.90
CA PRO A 88 -20.03 -10.45 3.00
C PRO A 88 -20.94 -9.66 3.94
N GLY A 89 -22.05 -9.18 3.40
CA GLY A 89 -23.03 -8.44 4.18
C GLY A 89 -22.71 -7.01 4.53
N ILE A 90 -21.48 -6.55 4.26
CA ILE A 90 -21.08 -5.18 4.56
C ILE A 90 -20.59 -4.43 3.32
N ILE A 91 -19.57 -4.98 2.67
CA ILE A 91 -18.97 -4.37 1.49
C ILE A 91 -19.11 -5.27 0.26
N PRO A 92 -19.77 -4.79 -0.79
CA PRO A 92 -19.91 -5.60 -2.00
C PRO A 92 -18.57 -5.69 -2.74
N PRO A 93 -18.46 -6.59 -3.73
CA PRO A 93 -17.23 -6.75 -4.50
C PRO A 93 -16.93 -5.54 -5.40
N HIS A 94 -15.64 -5.25 -5.59
CA HIS A 94 -15.17 -4.14 -6.44
C HIS A 94 -15.76 -2.78 -6.06
N ALA A 95 -15.97 -2.56 -4.78
CA ALA A 95 -16.58 -1.32 -4.34
C ALA A 95 -15.64 -0.17 -4.04
N THR A 96 -15.98 1.00 -4.58
CA THR A 96 -15.22 2.21 -4.29
C THR A 96 -15.92 2.72 -3.03
N LEU A 97 -15.16 3.08 -2.00
CA LEU A 97 -15.76 3.57 -0.77
C LEU A 97 -15.42 5.04 -0.54
N VAL A 98 -16.34 5.74 0.11
CA VAL A 98 -16.15 7.14 0.43
C VAL A 98 -16.32 7.29 1.94
N PHE A 99 -15.34 7.90 2.59
CA PHE A 99 -15.40 8.10 4.02
C PHE A 99 -15.34 9.56 4.37
N ASP A 100 -16.19 9.96 5.30
CA ASP A 100 -16.21 11.31 5.81
C ASP A 100 -15.41 11.06 7.09
N VAL A 101 -14.21 11.62 7.17
CA VAL A 101 -13.32 11.39 8.31
C VAL A 101 -12.92 12.66 9.04
N GLU A 102 -12.95 12.60 10.36
CA GLU A 102 -12.52 13.73 11.18
C GLU A 102 -11.44 13.26 12.16
N LEU A 103 -10.23 13.80 12.02
CA LEU A 103 -9.11 13.41 12.91
C LEU A 103 -9.20 14.27 14.17
N LEU A 104 -9.62 13.67 15.27
CA LEU A 104 -9.81 14.39 16.53
C LEU A 104 -8.57 14.67 17.37
N LYS A 105 -7.72 13.66 17.54
CA LYS A 105 -6.50 13.80 18.33
C LYS A 105 -5.57 12.62 18.06
N LEU A 106 -4.34 12.76 18.54
CA LEU A 106 -3.31 11.73 18.42
C LEU A 106 -2.91 11.35 19.84
N GLU A 107 -2.67 10.06 20.06
CA GLU A 107 -2.26 9.62 21.39
C GLU A 107 -1.35 8.41 21.39
N GLY B 1 -2.16 -9.70 -3.02
CA GLY B 1 -1.12 -9.18 -2.10
C GLY B 1 0.23 -9.61 -2.64
N VAL B 2 1.26 -9.61 -1.80
CA VAL B 2 2.60 -10.01 -2.21
C VAL B 2 3.06 -11.21 -1.39
N GLN B 3 3.39 -12.30 -2.07
CA GLN B 3 3.87 -13.51 -1.44
C GLN B 3 5.37 -13.62 -1.70
N VAL B 4 6.12 -13.94 -0.65
CA VAL B 4 7.56 -14.05 -0.71
C VAL B 4 8.04 -15.48 -0.52
N GLU B 5 8.79 -16.00 -1.48
CA GLU B 5 9.33 -17.34 -1.35
C GLU B 5 10.84 -17.17 -1.39
N THR B 6 11.53 -17.59 -0.33
CA THR B 6 12.98 -17.46 -0.31
C THR B 6 13.71 -18.54 -1.13
N ILE B 7 14.64 -18.10 -1.96
CA ILE B 7 15.43 -18.98 -2.83
C ILE B 7 16.84 -19.17 -2.26
N SER B 8 17.38 -18.12 -1.66
CA SER B 8 18.69 -18.14 -1.06
C SER B 8 18.61 -17.21 0.13
N PRO B 9 19.16 -17.61 1.29
CA PRO B 9 19.11 -16.75 2.47
C PRO B 9 20.00 -15.52 2.49
N GLY B 10 19.52 -14.49 3.17
CA GLY B 10 20.27 -13.26 3.31
C GLY B 10 20.96 -13.37 4.65
N ASP B 11 21.38 -12.25 5.23
CA ASP B 11 22.04 -12.32 6.51
C ASP B 11 21.07 -12.39 7.68
N GLY B 12 19.77 -12.29 7.37
CA GLY B 12 18.74 -12.34 8.39
C GLY B 12 18.77 -11.24 9.42
N ARG B 13 19.47 -10.15 9.16
CA ARG B 13 19.56 -9.07 10.14
C ARG B 13 19.51 -7.66 9.58
N THR B 14 20.12 -7.45 8.41
CA THR B 14 20.10 -6.14 7.78
C THR B 14 18.89 -6.01 6.83
N PHE B 15 17.85 -5.33 7.31
CA PHE B 15 16.62 -5.12 6.55
C PHE B 15 16.52 -3.64 6.17
N PRO B 16 16.00 -3.33 4.97
CA PRO B 16 15.84 -1.96 4.44
C PRO B 16 14.96 -1.04 5.29
N LYS B 17 15.45 0.16 5.59
CA LYS B 17 14.68 1.14 6.36
C LYS B 17 14.13 2.15 5.36
N ARG B 18 12.92 2.68 5.63
CA ARG B 18 12.32 3.68 4.75
C ARG B 18 13.33 4.80 4.71
N GLY B 19 13.64 5.25 3.49
CA GLY B 19 14.62 6.31 3.33
C GLY B 19 15.96 5.80 2.85
N GLN B 20 16.15 4.49 2.84
CA GLN B 20 17.41 3.91 2.38
C GLN B 20 17.25 3.43 0.95
N THR B 21 18.37 3.41 0.23
CA THR B 21 18.39 2.96 -1.16
C THR B 21 18.69 1.48 -1.18
N CYS B 22 17.85 0.73 -1.88
CA CYS B 22 18.01 -0.70 -2.02
C CYS B 22 18.64 -0.95 -3.38
N VAL B 23 19.71 -1.74 -3.40
CA VAL B 23 20.38 -2.06 -4.64
C VAL B 23 20.06 -3.52 -4.93
N VAL B 24 19.38 -3.78 -6.05
CA VAL B 24 18.96 -5.14 -6.39
C VAL B 24 19.09 -5.52 -7.86
N HIS B 25 19.13 -6.82 -8.11
CA HIS B 25 19.12 -7.32 -9.47
C HIS B 25 17.81 -8.09 -9.50
N TYR B 26 17.07 -7.98 -10.59
CA TYR B 26 15.77 -8.64 -10.67
C TYR B 26 15.48 -9.09 -12.07
N THR B 27 14.61 -10.08 -12.15
CA THR B 27 14.07 -10.55 -13.40
C THR B 27 12.54 -10.56 -13.16
N GLY B 28 11.80 -9.85 -14.00
CA GLY B 28 10.37 -9.82 -13.83
C GLY B 28 9.74 -10.66 -14.91
N MET B 29 8.71 -11.41 -14.56
CA MET B 29 8.05 -12.24 -15.53
C MET B 29 6.56 -12.40 -15.27
N LEU B 30 5.83 -12.77 -16.32
CA LEU B 30 4.40 -12.98 -16.18
C LEU B 30 4.20 -14.32 -15.47
N GLU B 31 2.97 -14.57 -15.08
CA GLU B 31 2.62 -15.79 -14.38
C GLU B 31 2.94 -17.04 -15.18
N ASP B 32 2.95 -16.95 -16.51
CA ASP B 32 3.27 -18.12 -17.32
C ASP B 32 4.76 -18.30 -17.57
N GLY B 33 5.57 -17.50 -16.86
CA GLY B 33 7.01 -17.61 -16.99
C GLY B 33 7.71 -16.77 -18.04
N LYS B 34 6.99 -16.05 -18.89
CA LYS B 34 7.70 -15.26 -19.89
C LYS B 34 8.34 -14.03 -19.28
N LYS B 35 9.59 -13.79 -19.65
CA LYS B 35 10.34 -12.64 -19.13
C LYS B 35 9.89 -11.34 -19.74
N VAL B 36 9.64 -10.33 -18.92
CA VAL B 36 9.27 -9.03 -19.46
C VAL B 36 10.48 -8.09 -19.37
N ASP B 37 11.27 -8.20 -18.31
CA ASP B 37 12.44 -7.35 -18.15
C ASP B 37 13.38 -7.83 -17.05
N SER B 38 14.67 -7.60 -17.22
CA SER B 38 15.66 -8.02 -16.24
C SER B 38 16.83 -7.04 -16.16
N SER B 39 17.22 -6.68 -14.94
CA SER B 39 18.36 -5.79 -14.76
C SER B 39 19.64 -6.57 -15.06
N ARG B 40 19.58 -7.89 -15.00
CA ARG B 40 20.75 -8.73 -15.26
C ARG B 40 21.14 -8.63 -16.72
N ASP B 41 20.24 -8.07 -17.53
CA ASP B 41 20.50 -7.87 -18.94
C ASP B 41 21.06 -6.47 -19.19
N ARG B 42 21.24 -5.66 -18.15
CA ARG B 42 21.65 -4.26 -18.31
C ARG B 42 22.94 -3.59 -17.84
N ASN B 43 23.95 -4.33 -17.41
CA ASN B 43 25.20 -3.66 -16.97
C ASN B 43 25.23 -3.01 -15.59
N LYS B 44 24.10 -2.88 -14.92
CA LYS B 44 24.12 -2.34 -13.57
C LYS B 44 22.85 -2.67 -12.82
N PRO B 45 22.94 -2.80 -11.49
CA PRO B 45 21.79 -3.13 -10.66
C PRO B 45 20.77 -2.01 -10.57
N PHE B 46 19.53 -2.39 -10.28
CA PHE B 46 18.43 -1.46 -10.15
C PHE B 46 18.49 -0.86 -8.74
N LYS B 47 18.21 0.43 -8.62
CA LYS B 47 18.26 1.08 -7.32
C LYS B 47 17.00 1.90 -7.12
N PHE B 48 16.48 1.90 -5.89
CA PHE B 48 15.30 2.69 -5.58
C PHE B 48 15.30 2.95 -4.09
N MET B 49 14.65 4.04 -3.68
CA MET B 49 14.59 4.41 -2.28
C MET B 49 13.26 3.99 -1.69
N LEU B 50 13.32 3.28 -0.58
CA LEU B 50 12.16 2.78 0.11
C LEU B 50 11.35 3.91 0.76
N GLY B 51 10.03 3.86 0.61
CA GLY B 51 9.15 4.87 1.21
C GLY B 51 8.98 6.17 0.47
N LYS B 52 9.34 6.21 -0.81
CA LYS B 52 9.24 7.43 -1.60
C LYS B 52 8.34 7.21 -2.82
N GLN B 53 7.55 6.14 -2.80
CA GLN B 53 6.64 5.76 -3.88
C GLN B 53 7.30 5.66 -5.27
N GLU B 54 8.55 5.19 -5.28
CA GLU B 54 9.28 5.05 -6.55
C GLU B 54 8.95 3.80 -7.34
N VAL B 55 8.44 2.77 -6.66
CA VAL B 55 8.12 1.50 -7.29
C VAL B 55 6.70 1.03 -6.98
N ILE B 56 6.25 -0.01 -7.68
CA ILE B 56 4.93 -0.55 -7.46
C ILE B 56 4.79 -1.02 -6.01
N ARG B 57 3.55 -1.01 -5.53
CA ARG B 57 3.20 -1.42 -4.16
C ARG B 57 3.83 -2.72 -3.67
N GLY B 58 3.60 -3.80 -4.42
CA GLY B 58 4.10 -5.10 -4.06
C GLY B 58 5.59 -5.13 -3.77
N TRP B 59 6.36 -4.29 -4.48
CA TRP B 59 7.81 -4.20 -4.25
C TRP B 59 8.13 -3.49 -2.94
N GLU B 60 7.47 -2.36 -2.65
CA GLU B 60 7.72 -1.63 -1.42
C GLU B 60 7.52 -2.58 -0.24
N GLU B 61 6.45 -3.36 -0.30
CA GLU B 61 6.15 -4.30 0.76
C GLU B 61 7.00 -5.56 0.76
N GLY B 62 7.29 -6.11 -0.41
CA GLY B 62 8.08 -7.33 -0.48
C GLY B 62 9.55 -7.16 -0.17
N VAL B 63 10.17 -6.16 -0.79
CA VAL B 63 11.60 -5.94 -0.59
C VAL B 63 11.85 -5.55 0.87
N ALA B 64 10.88 -4.89 1.52
CA ALA B 64 11.02 -4.47 2.92
C ALA B 64 11.12 -5.68 3.85
N GLN B 65 10.73 -6.84 3.35
CA GLN B 65 10.80 -8.06 4.15
C GLN B 65 12.08 -8.87 3.88
N MET B 66 12.97 -8.38 3.01
CA MET B 66 14.20 -9.10 2.68
C MET B 66 15.44 -8.54 3.37
N SER B 67 16.40 -9.39 3.66
CA SER B 67 17.64 -8.92 4.29
C SER B 67 18.74 -8.97 3.25
N VAL B 68 19.81 -8.23 3.48
CA VAL B 68 20.92 -8.17 2.54
C VAL B 68 21.50 -9.55 2.19
N GLY B 69 21.60 -9.81 0.89
CA GLY B 69 22.12 -11.07 0.41
C GLY B 69 21.03 -12.04 0.01
N GLN B 70 19.79 -11.78 0.43
CA GLN B 70 18.68 -12.67 0.15
C GLN B 70 18.20 -12.63 -1.27
N ARG B 71 17.77 -13.77 -1.76
CA ARG B 71 17.24 -13.88 -3.11
C ARG B 71 15.86 -14.47 -2.89
N ALA B 72 14.85 -13.84 -3.47
CA ALA B 72 13.50 -14.31 -3.29
C ALA B 72 12.67 -14.14 -4.53
N LYS B 73 11.58 -14.89 -4.58
CA LYS B 73 10.64 -14.82 -5.66
C LYS B 73 9.42 -14.11 -5.05
N LEU B 74 9.02 -12.98 -5.63
CA LEU B 74 7.86 -12.21 -5.17
C LEU B 74 6.74 -12.39 -6.19
N THR B 75 5.60 -12.88 -5.74
CA THR B 75 4.43 -13.07 -6.58
C THR B 75 3.49 -11.94 -6.18
N ILE B 76 3.23 -11.03 -7.13
CA ILE B 76 2.42 -9.85 -6.88
C ILE B 76 1.11 -9.86 -7.68
N SER B 77 -0.02 -9.65 -7.01
CA SER B 77 -1.32 -9.62 -7.69
C SER B 77 -1.47 -8.26 -8.38
N PRO B 78 -2.36 -8.18 -9.38
CA PRO B 78 -2.57 -6.93 -10.12
C PRO B 78 -2.81 -5.70 -9.28
N ASP B 79 -3.59 -5.83 -8.22
CA ASP B 79 -3.89 -4.69 -7.38
C ASP B 79 -2.68 -4.11 -6.65
N TYR B 80 -1.60 -4.88 -6.63
CA TYR B 80 -0.36 -4.45 -6.01
C TYR B 80 0.66 -4.14 -7.08
N ALA B 81 0.23 -4.12 -8.33
CA ALA B 81 1.15 -3.85 -9.43
C ALA B 81 0.58 -2.84 -10.43
N TYR B 82 0.15 -3.30 -11.60
CA TYR B 82 -0.36 -2.40 -12.63
C TYR B 82 -1.88 -2.41 -12.85
N GLY B 83 -2.59 -3.12 -11.99
CA GLY B 83 -4.03 -3.16 -12.08
C GLY B 83 -4.64 -3.60 -13.40
N ALA B 84 -5.86 -3.15 -13.63
CA ALA B 84 -6.61 -3.50 -14.82
C ALA B 84 -6.05 -3.00 -16.14
N THR B 85 -5.39 -1.85 -16.14
CA THR B 85 -4.85 -1.28 -17.37
C THR B 85 -3.47 -1.81 -17.81
N GLY B 86 -2.63 -2.13 -16.83
CA GLY B 86 -1.30 -2.61 -17.16
C GLY B 86 -0.47 -1.42 -17.63
N HIS B 87 0.51 -1.67 -18.48
CA HIS B 87 1.35 -0.61 -19.02
C HIS B 87 1.64 -0.99 -20.47
N PRO B 88 1.10 -0.21 -21.42
CA PRO B 88 1.26 -0.43 -22.86
C PRO B 88 2.62 -0.94 -23.31
N GLY B 89 2.61 -2.11 -23.95
CA GLY B 89 3.82 -2.72 -24.47
C GLY B 89 4.69 -3.51 -23.50
N ILE B 90 4.50 -3.32 -22.20
CA ILE B 90 5.32 -4.02 -21.21
C ILE B 90 4.56 -4.99 -20.31
N ILE B 91 3.51 -4.47 -19.68
CA ILE B 91 2.68 -5.23 -18.74
C ILE B 91 1.24 -5.33 -19.24
N PRO B 92 0.74 -6.54 -19.49
CA PRO B 92 -0.65 -6.59 -19.96
C PRO B 92 -1.64 -6.31 -18.84
N PRO B 93 -2.91 -6.07 -19.21
CA PRO B 93 -3.97 -5.80 -18.24
C PRO B 93 -4.20 -7.01 -17.33
N HIS B 94 -4.50 -6.73 -16.05
CA HIS B 94 -4.78 -7.78 -15.06
C HIS B 94 -3.63 -8.79 -14.89
N ALA B 95 -2.40 -8.34 -15.01
CA ALA B 95 -1.28 -9.26 -14.88
C ALA B 95 -0.71 -9.48 -13.48
N THR B 96 -0.64 -10.75 -13.11
CA THR B 96 -0.02 -11.12 -11.85
C THR B 96 1.45 -11.20 -12.29
N LEU B 97 2.34 -10.60 -11.51
CA LEU B 97 3.77 -10.58 -11.83
C LEU B 97 4.60 -11.39 -10.84
N VAL B 98 5.61 -12.07 -11.35
CA VAL B 98 6.52 -12.85 -10.52
C VAL B 98 7.91 -12.26 -10.71
N PHE B 99 8.56 -11.86 -9.63
CA PHE B 99 9.89 -11.29 -9.70
C PHE B 99 10.93 -12.15 -8.96
N ASP B 100 12.07 -12.35 -9.58
CA ASP B 100 13.19 -13.05 -8.98
C ASP B 100 14.03 -11.84 -8.55
N VAL B 101 14.15 -11.62 -7.25
CA VAL B 101 14.88 -10.45 -6.76
C VAL B 101 16.01 -10.81 -5.82
N GLU B 102 17.13 -10.15 -5.99
CA GLU B 102 18.25 -10.37 -5.11
C GLU B 102 18.66 -9.03 -4.51
N LEU B 103 18.61 -8.93 -3.18
CA LEU B 103 19.01 -7.67 -2.52
C LEU B 103 20.52 -7.70 -2.30
N LEU B 104 21.23 -6.88 -3.07
CA LEU B 104 22.68 -6.82 -3.04
C LEU B 104 23.27 -6.00 -1.92
N LYS B 105 22.71 -4.82 -1.67
CA LYS B 105 23.20 -3.93 -0.62
C LYS B 105 22.27 -2.77 -0.32
N LEU B 106 22.56 -2.04 0.74
CA LEU B 106 21.76 -0.87 1.10
C LEU B 106 22.72 0.30 1.17
N GLU B 107 22.28 1.48 0.77
CA GLU B 107 23.11 2.68 0.80
C GLU B 107 22.22 3.92 0.91
#